data_5ZUS
#
_entry.id   5ZUS
#
_cell.length_a   74.612
_cell.length_b   87.151
_cell.length_c   95.998
_cell.angle_alpha   90.00
_cell.angle_beta   90.00
_cell.angle_gamma   90.00
#
_symmetry.space_group_name_H-M   'P 21 21 21'
#
loop_
_entity.id
_entity.type
_entity.pdbx_description
1 polymer VP1
2 water water
#
_entity_poly.entity_id   1
_entity_poly.type   'polypeptide(L)'
_entity_poly.pdbx_seq_one_letter_code
;SKTKPFSLPILTLSELTNSRFPVPIDSLFTAQNNVLQVQCQNGRCTLDGELQGTTQLLPSGICAFRGRVTAQINQRDRWH
MQLQNLNGTTYDPTDDVPAPLGTPDFKGVVFGMVSQRNVGNDAPGSTRAQQAWVSTYSPQFVPKLGSVNLRISDNDDFQF
QPTKFTPVGVNDDDDGHPFRQWELPNYSGELTLNMNLAPPVAPNFPGEQLLFFRSFVPCSGGYNQGIIDCLIPQEWIQHF
YQESAPSQSDVALIRYVNPDTGRTLFEAKLHRSGYITVAHSGDYPLVVPANGHFRFDSWVNQFYSLAPM
;
_entity_poly.pdbx_strand_id   A,B
#
# COMPACT_ATOMS: atom_id res chain seq x y z
N PRO A 5 17.09 -2.36 22.30
CA PRO A 5 17.57 -1.05 21.82
C PRO A 5 16.66 -0.48 20.72
N PHE A 6 16.48 0.83 20.72
CA PHE A 6 15.67 1.50 19.70
C PHE A 6 16.42 1.49 18.36
N SER A 7 15.67 1.47 17.26
CA SER A 7 16.27 1.48 15.94
C SER A 7 15.26 1.95 14.88
N LEU A 8 15.81 2.28 13.70
CA LEU A 8 15.02 2.63 12.54
C LEU A 8 15.20 1.57 11.47
N PRO A 9 14.17 1.36 10.63
CA PRO A 9 14.43 0.52 9.47
C PRO A 9 15.39 1.23 8.52
N ILE A 10 16.19 0.46 7.77
CA ILE A 10 17.14 0.99 6.81
C ILE A 10 16.48 1.01 5.44
N LEU A 11 15.99 2.16 5.03
CA LEU A 11 15.23 2.31 3.80
C LEU A 11 15.51 3.66 3.18
N THR A 12 15.73 3.67 1.87
CA THR A 12 15.91 4.93 1.12
C THR A 12 14.56 5.57 0.90
N LEU A 13 14.55 6.81 0.44
CA LEU A 13 13.29 7.53 0.25
C LEU A 13 12.38 6.82 -0.75
N SER A 14 12.97 6.21 -1.77
CA SER A 14 12.18 5.51 -2.79
C SER A 14 11.67 4.15 -2.28
N GLU A 15 12.16 3.72 -1.13
CA GLU A 15 11.71 2.53 -0.44
C GLU A 15 10.72 2.85 0.71
N LEU A 16 10.28 4.10 0.81
CA LEU A 16 9.36 4.52 1.87
C LEU A 16 8.00 4.95 1.29
N THR A 17 6.96 4.74 2.09
CA THR A 17 5.58 5.05 1.76
C THR A 17 5.10 6.20 2.63
N ASN A 18 4.39 7.14 2.01
CA ASN A 18 3.82 8.26 2.73
C ASN A 18 2.78 7.70 3.68
N SER A 19 2.78 8.18 4.92
CA SER A 19 1.81 7.69 5.93
C SER A 19 0.48 8.43 5.86
N ARG A 20 0.38 9.44 5.00
CA ARG A 20 -0.87 10.19 4.86
C ARG A 20 -1.58 10.01 3.52
N PHE A 21 -0.91 9.36 2.58
CA PHE A 21 -1.50 8.99 1.30
C PHE A 21 -0.71 7.79 0.73
N PRO A 22 -1.41 6.82 0.12
CA PRO A 22 -0.68 5.58 -0.23
C PRO A 22 0.19 5.65 -1.49
N VAL A 23 1.23 6.47 -1.44
CA VAL A 23 2.20 6.61 -2.51
C VAL A 23 3.61 6.62 -1.92
N PRO A 24 4.63 6.44 -2.77
CA PRO A 24 5.99 6.52 -2.27
C PRO A 24 6.34 7.97 -1.87
N ILE A 25 7.35 8.09 -1.02
CA ILE A 25 7.96 9.37 -0.68
C ILE A 25 8.81 9.82 -1.87
N ASP A 26 8.70 11.10 -2.20
CA ASP A 26 9.48 11.70 -3.27
C ASP A 26 10.70 12.45 -2.75
N SER A 27 10.56 13.15 -1.61
CA SER A 27 11.62 14.00 -1.11
C SER A 27 11.41 14.41 0.35
N LEU A 28 12.44 15.06 0.89
CA LEU A 28 12.38 15.67 2.23
C LEU A 28 12.24 17.19 2.09
N PHE A 29 11.54 17.79 3.04
CA PHE A 29 11.22 19.21 3.00
C PHE A 29 11.15 19.72 4.42
N THR A 30 11.78 20.86 4.68
CA THR A 30 11.61 21.56 5.95
C THR A 30 10.86 22.85 5.70
N ALA A 31 9.94 23.15 6.61
CA ALA A 31 9.00 24.25 6.43
C ALA A 31 9.24 25.33 7.46
N GLN A 32 9.11 26.57 6.99
CA GLN A 32 9.10 27.73 7.87
C GLN A 32 8.01 27.55 8.89
N ASN A 33 8.32 27.84 10.14
CA ASN A 33 7.30 27.86 11.18
C ASN A 33 6.30 28.96 10.90
N ASN A 34 5.04 28.60 10.75
CA ASN A 34 3.98 29.58 10.58
C ASN A 34 2.98 29.50 11.74
N VAL A 35 1.94 30.32 11.68
CA VAL A 35 0.94 30.40 12.74
C VAL A 35 0.06 29.15 12.75
N LEU A 36 -0.14 28.57 11.55
CA LEU A 36 -1.04 27.42 11.38
C LEU A 36 -0.47 26.15 12.03
N GLN A 37 -1.34 25.41 12.69
CA GLN A 37 -0.95 24.21 13.42
C GLN A 37 -0.86 22.96 12.54
N VAL A 38 0.19 22.18 12.77
CA VAL A 38 0.33 20.88 12.15
C VAL A 38 -0.29 19.87 13.10
N GLN A 39 -1.36 19.22 12.66
CA GLN A 39 -2.07 18.28 13.51
C GLN A 39 -2.68 17.15 12.70
N CYS A 40 -1.89 16.55 11.82
CA CYS A 40 -2.38 15.45 11.00
C CYS A 40 -2.73 14.24 11.89
N GLN A 41 -3.65 13.41 11.43
CA GLN A 41 -4.18 12.27 12.20
C GLN A 41 -3.76 10.90 11.66
N ASN A 42 -3.45 10.82 10.37
CA ASN A 42 -2.74 9.68 9.83
C ASN A 42 -1.25 9.91 9.95
N GLY A 43 -0.49 8.82 9.96
CA GLY A 43 0.95 8.90 10.14
C GLY A 43 1.37 9.39 11.52
N ARG A 44 0.65 8.96 12.55
CA ARG A 44 0.94 9.34 13.94
C ARG A 44 1.25 8.12 14.79
N CYS A 45 2.44 8.10 15.37
CA CYS A 45 2.91 6.96 16.12
C CYS A 45 4.06 7.37 17.01
N THR A 46 4.04 6.93 18.28
CA THR A 46 5.11 7.22 19.20
C THR A 46 6.29 6.32 18.89
N LEU A 47 7.46 6.67 19.41
CA LEU A 47 8.63 5.84 19.16
C LEU A 47 8.57 4.49 19.84
N ASP A 48 7.75 4.35 20.88
CA ASP A 48 7.57 3.04 21.51
C ASP A 48 6.39 2.28 20.93
N GLY A 49 5.85 2.75 19.80
CA GLY A 49 4.93 1.97 19.00
C GLY A 49 3.45 2.14 19.28
N GLU A 50 3.04 3.25 19.90
CA GLU A 50 1.62 3.53 20.13
C GLU A 50 1.04 4.32 18.95
N LEU A 51 0.20 3.69 18.14
CA LEU A 51 -0.45 4.38 17.01
C LEU A 51 -1.44 5.38 17.56
N GLN A 52 -1.51 6.56 16.97
CA GLN A 52 -2.41 7.62 17.43
C GLN A 52 -3.29 8.14 16.32
N GLY A 53 -4.29 8.93 16.70
CA GLY A 53 -5.20 9.54 15.72
C GLY A 53 -5.98 8.49 14.96
N THR A 54 -6.06 8.64 13.65
CA THR A 54 -6.69 7.66 12.79
C THR A 54 -5.65 6.72 12.15
N THR A 55 -4.48 6.57 12.75
CA THR A 55 -3.42 5.76 12.14
C THR A 55 -3.67 4.26 12.29
N GLN A 56 -3.50 3.53 11.18
CA GLN A 56 -3.51 2.06 11.19
C GLN A 56 -2.28 1.58 10.40
N LEU A 57 -2.07 0.27 10.27
CA LEU A 57 -0.77 -0.25 9.84
C LEU A 57 -0.55 -0.39 8.31
N LEU A 58 -1.64 -0.51 7.55
CA LEU A 58 -1.53 -0.84 6.11
C LEU A 58 -1.51 0.36 5.20
N PRO A 59 -0.51 0.45 4.32
CA PRO A 59 -0.56 1.47 3.28
C PRO A 59 -1.86 1.49 2.50
N SER A 60 -2.43 0.31 2.24
CA SER A 60 -3.71 0.22 1.52
C SER A 60 -4.92 0.65 2.36
N GLY A 61 -4.73 0.92 3.64
CA GLY A 61 -5.80 1.51 4.47
C GLY A 61 -5.86 3.04 4.49
N ILE A 62 -4.80 3.69 4.01
CA ILE A 62 -4.68 5.14 4.15
C ILE A 62 -5.62 5.85 3.15
N CYS A 63 -6.57 6.63 3.68
CA CYS A 63 -7.62 7.27 2.87
C CYS A 63 -8.55 6.31 2.15
N ALA A 64 -8.66 5.07 2.64
CA ALA A 64 -9.61 4.09 2.10
C ALA A 64 -10.84 4.05 3.00
N PHE A 65 -11.96 3.63 2.42
CA PHE A 65 -13.17 3.33 3.18
C PHE A 65 -13.71 1.96 2.83
N ARG A 66 -14.41 1.37 3.79
CA ARG A 66 -15.08 0.11 3.61
C ARG A 66 -16.42 0.19 4.31
N GLY A 67 -17.43 -0.42 3.69
CA GLY A 67 -18.75 -0.42 4.29
C GLY A 67 -19.85 -0.87 3.37
N ARG A 68 -21.04 -0.30 3.55
CA ARG A 68 -22.23 -0.64 2.76
C ARG A 68 -22.92 0.64 2.34
N VAL A 69 -23.33 0.71 1.07
CA VAL A 69 -24.12 1.82 0.59
C VAL A 69 -25.58 1.51 0.95
N THR A 70 -26.24 2.42 1.68
CA THR A 70 -27.57 2.13 2.22
C THR A 70 -28.68 3.05 1.74
N ALA A 71 -28.34 4.17 1.09
CA ALA A 71 -29.36 5.10 0.61
C ALA A 71 -28.75 6.10 -0.37
N GLN A 72 -29.62 6.85 -1.04
CA GLN A 72 -29.17 8.02 -1.80
C GLN A 72 -30.02 9.24 -1.47
N ILE A 73 -29.43 10.43 -1.66
CA ILE A 73 -30.10 11.70 -1.40
C ILE A 73 -29.93 12.60 -2.60
N ASN A 74 -30.81 13.60 -2.72
CA ASN A 74 -30.82 14.53 -3.86
C ASN A 74 -29.85 15.65 -3.64
N GLN A 75 -28.58 15.28 -3.52
CA GLN A 75 -27.50 16.21 -3.21
C GLN A 75 -26.34 15.79 -4.06
N ARG A 76 -25.38 16.68 -4.25
CA ARG A 76 -24.20 16.33 -5.01
C ARG A 76 -23.45 15.14 -4.38
N ASP A 77 -23.34 15.14 -3.05
CA ASP A 77 -22.81 13.98 -2.34
C ASP A 77 -23.97 13.00 -2.11
N ARG A 78 -24.22 12.17 -3.12
CA ARG A 78 -25.50 11.47 -3.30
C ARG A 78 -25.66 10.15 -2.55
N TRP A 79 -24.60 9.34 -2.52
CA TRP A 79 -24.69 7.98 -2.04
C TRP A 79 -24.15 7.80 -0.61
N HIS A 80 -25.06 7.42 0.29
CA HIS A 80 -24.78 7.27 1.71
C HIS A 80 -24.08 5.96 2.01
N MET A 81 -22.81 6.04 2.37
CA MET A 81 -22.02 4.85 2.70
C MET A 81 -21.87 4.73 4.21
N GLN A 82 -22.43 3.67 4.77
CA GLN A 82 -22.33 3.37 6.19
C GLN A 82 -21.04 2.58 6.39
N LEU A 83 -20.16 3.10 7.23
CA LEU A 83 -18.79 2.60 7.31
C LEU A 83 -18.62 1.46 8.28
N GLN A 84 -17.68 0.60 7.94
CA GLN A 84 -17.16 -0.43 8.81
C GLN A 84 -15.70 -0.08 9.04
N ASN A 85 -15.06 -0.77 9.99
CA ASN A 85 -13.61 -0.71 10.08
C ASN A 85 -13.02 -1.33 8.82
N LEU A 86 -11.81 -0.95 8.46
CA LEU A 86 -11.23 -1.42 7.20
C LEU A 86 -11.08 -2.94 7.13
N ASN A 87 -10.95 -3.62 8.27
CA ASN A 87 -10.93 -5.09 8.25
C ASN A 87 -12.31 -5.76 8.11
N GLY A 88 -13.37 -5.00 7.93
CA GLY A 88 -14.69 -5.54 7.80
C GLY A 88 -15.47 -5.70 9.09
N THR A 89 -14.85 -5.43 10.24
CA THR A 89 -15.57 -5.50 11.53
C THR A 89 -16.44 -4.26 11.71
N THR A 90 -17.40 -4.38 12.62
CA THR A 90 -18.38 -3.32 12.86
C THR A 90 -17.71 -2.10 13.47
N TYR A 91 -18.00 -0.94 12.93
CA TYR A 91 -17.43 0.30 13.46
C TYR A 91 -18.22 0.76 14.67
N ASP A 92 -17.52 1.06 15.75
CA ASP A 92 -18.14 1.54 16.98
C ASP A 92 -17.87 3.04 17.16
N PRO A 93 -18.88 3.88 16.94
CA PRO A 93 -18.69 5.34 17.03
C PRO A 93 -18.27 5.86 18.41
N THR A 94 -18.44 5.07 19.47
CA THR A 94 -18.03 5.48 20.82
C THR A 94 -16.57 5.11 21.14
N ASP A 95 -15.86 4.49 20.19
CA ASP A 95 -14.44 4.18 20.40
C ASP A 95 -13.63 5.49 20.50
N ASP A 96 -12.49 5.44 21.20
CA ASP A 96 -11.66 6.62 21.45
C ASP A 96 -10.73 6.93 20.28
N VAL A 97 -11.34 7.21 19.13
CA VAL A 97 -10.59 7.61 17.94
C VAL A 97 -11.31 8.80 17.31
N PRO A 98 -10.60 9.61 16.50
CA PRO A 98 -11.28 10.73 15.85
C PRO A 98 -12.28 10.29 14.79
N ALA A 99 -12.06 9.10 14.22
CA ALA A 99 -12.81 8.60 13.08
C ALA A 99 -12.33 7.17 12.82
N PRO A 100 -13.04 6.41 11.96
CA PRO A 100 -12.52 5.11 11.61
C PRO A 100 -11.07 5.23 11.11
N LEU A 101 -10.24 4.29 11.49
CA LEU A 101 -8.82 4.37 11.15
C LEU A 101 -8.67 4.38 9.62
N GLY A 102 -7.76 5.21 9.12
CA GLY A 102 -7.56 5.38 7.68
C GLY A 102 -8.29 6.55 7.05
N THR A 103 -9.29 7.10 7.75
CA THR A 103 -10.03 8.27 7.26
C THR A 103 -9.08 9.41 6.86
N PRO A 104 -9.37 10.09 5.73
CA PRO A 104 -8.51 11.23 5.33
C PRO A 104 -8.46 12.30 6.40
N ASP A 105 -7.32 12.97 6.53
CA ASP A 105 -7.08 13.96 7.61
C ASP A 105 -6.81 15.36 7.05
N PHE A 106 -7.42 15.68 5.92
CA PHE A 106 -7.25 16.96 5.29
C PHE A 106 -8.56 17.39 4.62
N LYS A 107 -8.65 18.68 4.33
CA LYS A 107 -9.79 19.22 3.62
C LYS A 107 -9.51 19.18 2.13
N GLY A 108 -10.45 18.65 1.37
CA GLY A 108 -10.30 18.54 -0.07
C GLY A 108 -11.19 17.46 -0.64
N VAL A 109 -10.86 17.02 -1.84
CA VAL A 109 -11.60 15.94 -2.49
C VAL A 109 -10.62 14.81 -2.76
N VAL A 110 -10.95 13.62 -2.30
CA VAL A 110 -10.19 12.43 -2.64
C VAL A 110 -10.91 11.76 -3.78
N PHE A 111 -10.19 11.50 -4.87
CA PHE A 111 -10.76 10.76 -5.98
C PHE A 111 -10.14 9.37 -6.08
N GLY A 112 -10.95 8.43 -6.55
CA GLY A 112 -10.52 7.07 -6.74
C GLY A 112 -11.62 6.26 -7.36
N MET A 113 -11.74 5.01 -6.93
CA MET A 113 -12.78 4.11 -7.42
C MET A 113 -13.54 3.46 -6.30
N VAL A 114 -14.83 3.27 -6.53
CA VAL A 114 -15.63 2.41 -5.67
C VAL A 114 -15.80 1.08 -6.36
N SER A 115 -15.89 0.04 -5.55
CA SER A 115 -16.21 -1.29 -6.04
C SER A 115 -17.21 -1.94 -5.11
N GLN A 116 -18.11 -2.74 -5.69
CA GLN A 116 -19.10 -3.48 -4.90
C GLN A 116 -19.03 -4.96 -5.20
N ARG A 117 -19.37 -5.76 -4.20
CA ARG A 117 -19.57 -7.19 -4.35
C ARG A 117 -20.76 -7.61 -3.51
N ASN A 118 -21.84 -8.02 -4.19
CA ASN A 118 -23.09 -8.32 -3.52
C ASN A 118 -23.01 -9.49 -2.55
N VAL A 119 -23.74 -9.39 -1.45
CA VAL A 119 -23.94 -10.50 -0.53
C VAL A 119 -25.44 -10.60 -0.25
N GLY A 120 -25.86 -11.68 0.40
CA GLY A 120 -27.27 -11.88 0.71
C GLY A 120 -28.06 -12.45 -0.46
N ASN A 121 -29.30 -12.01 -0.59
CA ASN A 121 -30.26 -12.59 -1.52
C ASN A 121 -30.20 -12.08 -2.94
N ASP A 122 -29.81 -10.82 -3.11
CA ASP A 122 -29.90 -10.16 -4.39
C ASP A 122 -28.59 -10.33 -5.19
N ALA A 123 -28.57 -11.36 -6.04
CA ALA A 123 -27.45 -11.62 -6.95
C ALA A 123 -26.12 -11.62 -6.21
N PRO A 124 -26.01 -12.44 -5.15
CA PRO A 124 -24.78 -12.49 -4.39
C PRO A 124 -23.60 -12.80 -5.28
N GLY A 125 -22.49 -12.09 -5.09
CA GLY A 125 -21.27 -12.33 -5.86
C GLY A 125 -21.17 -11.45 -7.09
N SER A 126 -22.25 -10.77 -7.47
CA SER A 126 -22.20 -9.84 -8.58
C SER A 126 -21.42 -8.59 -8.19
N THR A 127 -20.65 -8.05 -9.12
CA THR A 127 -19.72 -6.95 -8.84
C THR A 127 -19.85 -5.82 -9.82
N ARG A 128 -19.36 -4.65 -9.41
CA ARG A 128 -19.24 -3.49 -10.28
C ARG A 128 -18.24 -2.51 -9.67
N ALA A 129 -17.66 -1.68 -10.52
CA ALA A 129 -16.71 -0.66 -10.07
C ALA A 129 -16.77 0.54 -10.97
N GLN A 130 -16.51 1.71 -10.39
CA GLN A 130 -16.44 2.95 -11.16
C GLN A 130 -15.70 4.04 -10.39
N GLN A 131 -15.43 5.12 -11.11
CA GLN A 131 -14.85 6.33 -10.55
C GLN A 131 -15.75 6.94 -9.46
N ALA A 132 -15.14 7.42 -8.38
CA ALA A 132 -15.86 8.10 -7.32
C ALA A 132 -14.99 9.15 -6.64
N TRP A 133 -15.67 10.02 -5.88
CA TRP A 133 -15.05 11.15 -5.20
C TRP A 133 -15.62 11.24 -3.79
N VAL A 134 -14.77 11.59 -2.82
CA VAL A 134 -15.22 11.88 -1.46
C VAL A 134 -14.75 13.27 -1.12
N SER A 135 -15.70 14.17 -0.89
CA SER A 135 -15.33 15.51 -0.44
C SER A 135 -15.32 15.53 1.08
N THR A 136 -14.20 15.93 1.65
CA THR A 136 -14.12 16.04 3.12
C THR A 136 -14.67 17.39 3.60
N TYR A 137 -15.10 18.25 2.69
CA TYR A 137 -15.83 19.49 3.03
C TYR A 137 -17.32 19.21 3.14
N SER A 138 -17.79 18.09 2.62
CA SER A 138 -19.23 17.81 2.52
C SER A 138 -19.87 17.81 3.89
N PRO A 139 -21.10 18.35 4.01
CA PRO A 139 -21.82 18.20 5.28
C PRO A 139 -22.21 16.75 5.58
N GLN A 140 -22.20 15.89 4.54
CA GLN A 140 -22.41 14.46 4.74
C GLN A 140 -21.10 13.66 4.99
N PHE A 141 -19.97 14.33 5.06
CA PHE A 141 -18.73 13.68 5.48
C PHE A 141 -18.74 13.67 7.00
N VAL A 142 -19.24 12.59 7.59
CA VAL A 142 -19.32 12.46 9.05
C VAL A 142 -18.82 11.09 9.50
N PRO A 143 -17.58 10.76 9.15
CA PRO A 143 -17.10 9.41 9.39
C PRO A 143 -17.12 8.99 10.87
N LYS A 144 -16.91 9.94 11.77
CA LYS A 144 -16.93 9.63 13.21
C LYS A 144 -18.31 9.12 13.62
N LEU A 145 -19.35 9.67 13.00
CA LEU A 145 -20.72 9.23 13.29
C LEU A 145 -21.02 7.91 12.58
N GLY A 146 -20.21 7.54 11.59
CA GLY A 146 -20.34 6.26 10.92
C GLY A 146 -20.68 6.28 9.43
N SER A 147 -20.62 7.44 8.79
CA SER A 147 -20.94 7.51 7.36
C SER A 147 -20.27 8.64 6.59
N VAL A 148 -20.10 8.42 5.28
CA VAL A 148 -19.71 9.43 4.34
C VAL A 148 -20.61 9.29 3.12
N ASN A 149 -20.76 10.36 2.34
CA ASN A 149 -21.50 10.28 1.09
C ASN A 149 -20.55 10.39 -0.09
N LEU A 150 -20.82 9.60 -1.12
CA LEU A 150 -20.00 9.52 -2.32
C LEU A 150 -20.65 10.22 -3.49
N ARG A 151 -19.82 10.86 -4.31
CA ARG A 151 -20.17 11.25 -5.67
C ARG A 151 -19.60 10.17 -6.58
N ILE A 152 -20.38 9.69 -7.54
CA ILE A 152 -19.93 8.66 -8.47
C ILE A 152 -20.26 9.10 -9.89
N SER A 153 -19.71 8.40 -10.88
CA SER A 153 -19.86 8.83 -12.28
C SER A 153 -21.11 8.29 -12.98
N ASP A 154 -21.58 7.11 -12.58
CA ASP A 154 -22.75 6.45 -13.20
C ASP A 154 -23.77 6.04 -12.14
N ASN A 155 -24.74 6.91 -11.94
CA ASN A 155 -25.75 6.71 -10.90
C ASN A 155 -26.74 5.58 -11.18
N ASP A 156 -26.69 4.99 -12.38
CA ASP A 156 -27.58 3.87 -12.73
C ASP A 156 -26.99 2.50 -12.48
N ASP A 157 -25.70 2.43 -12.12
CA ASP A 157 -25.04 1.15 -11.93
C ASP A 157 -24.40 1.09 -10.54
N PHE A 158 -25.23 1.12 -9.51
CA PHE A 158 -24.73 1.20 -8.14
C PHE A 158 -25.83 0.76 -7.21
N GLN A 159 -25.52 -0.16 -6.30
CA GLN A 159 -26.54 -0.84 -5.52
C GLN A 159 -26.29 -0.68 -4.02
N PHE A 160 -27.28 -1.06 -3.22
CA PHE A 160 -27.18 -0.99 -1.77
C PHE A 160 -26.51 -2.25 -1.27
N GLN A 161 -25.19 -2.27 -1.41
CA GLN A 161 -24.39 -3.46 -1.24
C GLN A 161 -23.01 -3.10 -0.64
N PRO A 162 -22.26 -4.12 -0.18
CA PRO A 162 -20.93 -3.86 0.39
C PRO A 162 -20.07 -3.17 -0.63
N THR A 163 -19.39 -2.11 -0.18
CA THR A 163 -18.66 -1.20 -1.02
C THR A 163 -17.28 -0.90 -0.42
N LYS A 164 -16.28 -0.75 -1.28
CA LYS A 164 -14.95 -0.31 -0.88
C LYS A 164 -14.56 0.88 -1.73
N PHE A 165 -13.98 1.89 -1.08
CA PHE A 165 -13.40 3.03 -1.77
C PHE A 165 -11.89 2.87 -1.79
N THR A 166 -11.32 2.90 -2.99
CA THR A 166 -9.86 2.83 -3.19
C THR A 166 -9.35 4.20 -3.65
N PRO A 167 -8.53 4.88 -2.83
CA PRO A 167 -8.06 6.21 -3.25
C PRO A 167 -6.98 6.18 -4.30
N VAL A 168 -6.97 7.17 -5.18
CA VAL A 168 -5.95 7.30 -6.19
C VAL A 168 -5.22 8.63 -6.07
N GLY A 169 -5.95 9.71 -5.84
CA GLY A 169 -5.35 11.03 -5.67
C GLY A 169 -6.26 12.01 -4.97
N VAL A 170 -5.88 13.29 -5.03
CA VAL A 170 -6.63 14.37 -4.38
C VAL A 170 -6.77 15.55 -5.32
N ASN A 171 -7.68 16.45 -4.96
CA ASN A 171 -7.79 17.71 -5.64
C ASN A 171 -8.52 18.76 -4.83
N ASP A 172 -8.42 20.00 -5.30
CA ASP A 172 -9.33 21.07 -4.90
C ASP A 172 -10.70 20.65 -5.40
N ASP A 173 -11.75 21.02 -4.67
CA ASP A 173 -13.10 20.89 -5.21
C ASP A 173 -13.26 22.01 -6.24
N ASP A 174 -14.46 22.15 -6.79
CA ASP A 174 -14.82 23.43 -7.42
C ASP A 174 -15.62 24.32 -6.45
N ASP A 175 -15.89 25.55 -6.87
CA ASP A 175 -16.66 26.52 -6.07
C ASP A 175 -15.96 26.89 -4.76
N GLY A 176 -14.64 27.01 -4.80
CA GLY A 176 -13.94 27.65 -3.69
C GLY A 176 -13.69 26.80 -2.44
N HIS A 177 -13.50 25.50 -2.61
CA HIS A 177 -13.06 24.65 -1.52
C HIS A 177 -11.73 24.00 -1.88
N PRO A 178 -10.63 24.67 -1.52
CA PRO A 178 -9.31 24.20 -1.92
C PRO A 178 -8.77 23.02 -1.11
N PHE A 179 -7.81 22.32 -1.71
CA PHE A 179 -7.11 21.24 -1.05
C PHE A 179 -6.15 21.86 -0.02
N ARG A 180 -6.43 21.59 1.25
CA ARG A 180 -5.65 22.15 2.35
C ARG A 180 -5.15 21.02 3.25
N GLN A 181 -3.89 20.64 3.08
CA GLN A 181 -3.39 19.42 3.70
C GLN A 181 -3.29 19.51 5.22
N TRP A 182 -3.21 20.73 5.75
CA TRP A 182 -3.05 20.95 7.19
C TRP A 182 -4.32 21.41 7.89
N GLU A 183 -5.42 21.48 7.15
CA GLU A 183 -6.73 21.74 7.74
C GLU A 183 -7.48 20.43 7.95
N LEU A 184 -7.75 20.08 9.20
CA LEU A 184 -8.52 18.88 9.50
C LEU A 184 -9.96 19.07 9.03
N PRO A 185 -10.60 18.01 8.52
CA PRO A 185 -12.03 18.09 8.30
C PRO A 185 -12.78 17.95 9.61
N ASN A 186 -14.08 18.23 9.56
CA ASN A 186 -14.94 17.96 10.71
C ASN A 186 -15.36 16.51 10.58
N TYR A 187 -14.84 15.66 11.46
CA TYR A 187 -15.11 14.24 11.39
C TYR A 187 -16.55 13.92 11.77
N SER A 188 -17.17 14.81 12.54
CA SER A 188 -18.59 14.69 12.88
C SER A 188 -19.29 15.82 12.14
N GLY A 189 -20.41 16.32 12.63
CA GLY A 189 -21.10 17.37 11.88
C GLY A 189 -20.42 18.74 11.92
N GLU A 190 -21.02 19.66 11.17
CA GLU A 190 -20.70 21.07 11.21
C GLU A 190 -21.07 21.44 12.64
N LEU A 191 -20.29 22.29 13.28
CA LEU A 191 -20.54 22.69 14.69
C LEU A 191 -20.17 21.67 15.76
N THR A 192 -19.53 20.56 15.39
CA THR A 192 -19.10 19.59 16.38
C THR A 192 -17.58 19.58 16.36
N LEU A 193 -16.96 19.55 17.53
CA LEU A 193 -15.52 19.56 17.62
C LEU A 193 -15.03 18.16 17.37
N ASN A 194 -13.83 18.06 16.79
CA ASN A 194 -13.16 16.77 16.68
C ASN A 194 -12.70 16.32 18.07
N MET A 195 -12.61 15.02 18.26
CA MET A 195 -12.29 14.42 19.56
C MET A 195 -11.19 13.38 19.40
N ASN A 196 -10.51 13.08 20.50
CA ASN A 196 -9.49 12.02 20.56
C ASN A 196 -8.36 12.25 19.55
N LEU A 197 -8.05 13.52 19.27
CA LEU A 197 -7.07 13.85 18.24
C LEU A 197 -5.65 13.57 18.72
N ALA A 198 -4.80 13.12 17.80
CA ALA A 198 -3.37 13.15 18.06
C ALA A 198 -3.01 14.64 18.22
N PRO A 199 -2.13 14.97 19.17
CA PRO A 199 -1.90 16.36 19.53
C PRO A 199 -1.19 17.15 18.43
N PRO A 200 -1.29 18.49 18.47
CA PRO A 200 -0.54 19.32 17.51
C PRO A 200 0.95 19.14 17.71
N VAL A 201 1.71 19.35 16.65
CA VAL A 201 3.16 19.25 16.76
C VAL A 201 3.80 20.54 16.27
N ALA A 202 4.84 20.96 16.98
CA ALA A 202 5.57 22.18 16.64
C ALA A 202 6.97 22.11 17.22
N PRO A 203 7.94 22.77 16.57
CA PRO A 203 9.21 22.85 17.24
C PRO A 203 9.09 23.84 18.42
N ASN A 204 9.77 23.53 19.52
CA ASN A 204 9.77 24.32 20.74
C ASN A 204 11.17 24.94 21.01
N PHE A 205 12.13 24.69 20.11
CA PHE A 205 13.50 25.13 20.32
C PHE A 205 13.76 26.25 19.31
N PRO A 206 14.43 27.34 19.75
CA PRO A 206 14.70 28.42 18.80
C PRO A 206 15.58 27.94 17.63
N GLY A 207 15.23 28.34 16.42
CA GLY A 207 15.97 27.97 15.21
C GLY A 207 15.59 26.63 14.61
N GLU A 208 14.65 25.92 15.25
CA GLU A 208 14.26 24.59 14.76
C GLU A 208 12.98 24.63 13.94
N GLN A 209 12.93 23.77 12.93
CA GLN A 209 11.76 23.60 12.08
C GLN A 209 11.42 22.12 11.96
N LEU A 210 10.18 21.84 11.60
CA LEU A 210 9.77 20.47 11.30
C LEU A 210 10.43 19.99 10.00
N LEU A 211 10.77 18.71 9.96
CA LEU A 211 11.18 18.04 8.72
C LEU A 211 10.08 17.07 8.28
N PHE A 212 9.70 17.14 7.01
CA PHE A 212 8.63 16.29 6.45
C PHE A 212 9.16 15.35 5.39
N PHE A 213 8.50 14.20 5.30
CA PHE A 213 8.65 13.30 4.16
C PHE A 213 7.56 13.65 3.14
N ARG A 214 7.96 14.14 1.97
CA ARG A 214 7.03 14.75 1.00
C ARG A 214 6.73 13.85 -0.19
N SER A 215 5.44 13.81 -0.57
CA SER A 215 5.00 13.14 -1.79
C SER A 215 4.25 14.13 -2.68
N PHE A 216 4.39 13.96 -3.99
CA PHE A 216 3.57 14.66 -4.98
C PHE A 216 2.55 13.66 -5.52
N VAL A 217 1.32 13.75 -5.01
CA VAL A 217 0.32 12.72 -5.31
C VAL A 217 -0.47 13.11 -6.56
N PRO A 218 -1.17 12.14 -7.16
CA PRO A 218 -1.90 12.44 -8.40
C PRO A 218 -3.04 13.43 -8.19
N CYS A 219 -3.32 14.23 -9.21
CA CYS A 219 -4.50 15.09 -9.20
C CYS A 219 -5.31 14.85 -10.48
N SER A 220 -6.59 15.21 -10.41
CA SER A 220 -7.55 14.89 -11.45
C SER A 220 -8.03 16.12 -12.24
N GLY A 221 -7.13 17.04 -12.56
CA GLY A 221 -7.51 18.26 -13.28
C GLY A 221 -6.86 19.47 -12.67
N GLY A 222 -6.55 20.47 -13.48
CA GLY A 222 -5.94 21.71 -12.97
C GLY A 222 -4.46 21.52 -12.67
N TYR A 223 -3.94 22.43 -11.86
CA TYR A 223 -2.50 22.58 -11.69
C TYR A 223 -1.98 22.27 -10.29
N ASN A 224 -2.84 21.80 -9.39
CA ASN A 224 -2.39 21.52 -8.03
C ASN A 224 -1.16 20.58 -8.03
N GLN A 225 -0.17 20.88 -7.19
CA GLN A 225 1.04 20.07 -7.14
C GLN A 225 0.85 18.72 -6.42
N GLY A 226 -0.29 18.53 -5.74
CA GLY A 226 -0.56 17.30 -4.99
C GLY A 226 0.34 17.06 -3.77
N ILE A 227 0.79 18.13 -3.11
CA ILE A 227 1.75 17.99 -2.01
C ILE A 227 1.07 17.39 -0.79
N ILE A 228 1.63 16.27 -0.30
CA ILE A 228 1.21 15.73 0.99
C ILE A 228 2.45 15.44 1.79
N ASP A 229 2.54 16.07 2.96
CA ASP A 229 3.69 15.95 3.83
C ASP A 229 3.34 15.11 5.03
N CYS A 230 4.22 14.17 5.39
CA CYS A 230 3.98 13.36 6.59
C CYS A 230 5.16 13.48 7.56
N LEU A 231 4.87 13.20 8.82
CA LEU A 231 5.84 13.36 9.90
C LEU A 231 6.86 12.26 9.92
N ILE A 232 6.39 11.02 9.80
CA ILE A 232 7.22 9.86 9.68
C ILE A 232 6.56 8.93 8.68
N PRO A 233 7.36 8.18 7.93
CA PRO A 233 6.83 7.31 6.91
C PRO A 233 6.16 6.07 7.46
N GLN A 234 5.33 5.44 6.64
CA GLN A 234 4.52 4.31 7.09
C GLN A 234 5.41 3.16 7.60
N GLU A 235 6.52 2.90 6.91
CA GLU A 235 7.47 1.85 7.35
C GLU A 235 8.09 2.07 8.74
N TRP A 236 8.27 3.33 9.14
CA TRP A 236 8.79 3.59 10.49
C TRP A 236 7.71 3.25 11.50
N ILE A 237 6.47 3.64 11.19
CA ILE A 237 5.36 3.34 12.04
C ILE A 237 5.23 1.83 12.24
N GLN A 238 5.28 1.09 11.14
CA GLN A 238 5.22 -0.38 11.18
C GLN A 238 6.36 -0.94 12.07
N HIS A 239 7.53 -0.35 11.94
CA HIS A 239 8.69 -0.82 12.71
C HIS A 239 8.54 -0.54 14.21
N PHE A 240 8.12 0.66 14.59
CA PHE A 240 7.97 1.00 16.01
C PHE A 240 6.90 0.13 16.67
N TYR A 241 5.80 -0.09 15.92
CA TYR A 241 4.74 -0.99 16.41
C TYR A 241 5.27 -2.38 16.77
N GLN A 242 6.15 -2.94 15.94
CA GLN A 242 6.75 -4.25 16.18
C GLN A 242 7.66 -4.26 17.39
N GLU A 243 8.58 -3.29 17.39
CA GLU A 243 9.68 -3.24 18.32
C GLU A 243 9.21 -2.88 19.72
N SER A 244 8.32 -1.88 19.78
CA SER A 244 7.86 -1.31 21.03
C SER A 244 9.02 -1.11 22.02
N ALA A 245 10.13 -0.57 21.52
CA ALA A 245 11.31 -0.30 22.35
C ALA A 245 11.00 0.85 23.29
N PRO A 246 11.23 0.68 24.60
CA PRO A 246 10.90 1.79 25.49
C PRO A 246 11.79 2.97 25.14
N SER A 247 11.22 4.17 25.15
CA SER A 247 11.97 5.36 24.82
C SER A 247 12.71 5.82 26.07
N GLN A 248 14.02 6.07 25.95
CA GLN A 248 14.84 6.42 27.12
C GLN A 248 14.87 7.90 27.45
N SER A 249 14.55 8.75 26.48
CA SER A 249 14.43 10.17 26.71
C SER A 249 13.38 10.70 25.77
N ASP A 250 13.16 12.01 25.79
CA ASP A 250 12.16 12.63 24.96
C ASP A 250 12.59 12.77 23.49
N VAL A 251 13.88 12.54 23.21
CA VAL A 251 14.43 12.83 21.89
C VAL A 251 15.48 11.81 21.51
N ALA A 252 15.30 11.22 20.33
CA ALA A 252 16.30 10.35 19.72
C ALA A 252 17.08 11.16 18.67
N LEU A 253 18.40 11.22 18.83
CA LEU A 253 19.23 11.91 17.86
C LEU A 253 19.40 10.95 16.69
N ILE A 254 19.09 11.43 15.50
CA ILE A 254 19.24 10.63 14.30
C ILE A 254 20.13 11.37 13.30
N ARG A 255 20.87 10.61 12.51
CA ARG A 255 21.79 11.14 11.52
C ARG A 255 21.39 10.64 10.14
N TYR A 256 21.32 11.55 9.17
CA TYR A 256 21.12 11.16 7.78
C TYR A 256 22.47 10.81 7.21
N VAL A 257 22.64 9.54 6.82
CA VAL A 257 23.93 9.06 6.37
C VAL A 257 23.94 8.63 4.92
N ASN A 258 25.09 8.80 4.30
CA ASN A 258 25.38 8.18 3.02
C ASN A 258 26.13 6.88 3.31
N PRO A 259 25.49 5.73 3.06
CA PRO A 259 26.09 4.46 3.46
C PRO A 259 27.31 4.02 2.63
N ASP A 260 27.41 4.50 1.39
CA ASP A 260 28.56 4.19 0.54
C ASP A 260 29.81 4.90 1.04
N THR A 261 29.74 6.23 1.07
CA THR A 261 30.85 7.06 1.54
C THR A 261 31.02 6.95 3.06
N GLY A 262 29.94 6.60 3.76
CA GLY A 262 29.97 6.40 5.20
C GLY A 262 29.75 7.65 6.03
N ARG A 263 29.63 8.81 5.38
CA ARG A 263 29.57 10.07 6.13
C ARG A 263 28.15 10.54 6.46
N THR A 264 28.07 11.31 7.54
CA THR A 264 26.83 11.91 7.99
C THR A 264 26.62 13.26 7.30
N LEU A 265 25.44 13.46 6.76
CA LEU A 265 25.15 14.65 5.95
C LEU A 265 24.51 15.73 6.79
N PHE A 266 23.63 15.34 7.70
CA PHE A 266 23.07 16.25 8.68
C PHE A 266 22.48 15.43 9.84
N GLU A 267 22.06 16.13 10.89
CA GLU A 267 21.46 15.46 12.02
C GLU A 267 20.14 16.11 12.35
N ALA A 268 19.31 15.36 13.07
CA ALA A 268 17.96 15.79 13.36
C ALA A 268 17.48 15.25 14.70
N LYS A 269 16.43 15.84 15.23
CA LYS A 269 15.83 15.35 16.47
C LYS A 269 14.56 14.59 16.16
N LEU A 270 14.53 13.31 16.49
CA LEU A 270 13.30 12.51 16.40
C LEU A 270 12.64 12.43 17.78
N HIS A 271 11.55 13.14 17.93
CA HIS A 271 10.89 13.30 19.21
C HIS A 271 10.03 12.08 19.53
N ARG A 272 9.92 11.78 20.84
CA ARG A 272 9.21 10.63 21.36
C ARG A 272 7.81 10.45 20.78
N SER A 273 7.11 11.54 20.56
CA SER A 273 5.74 11.47 20.05
C SER A 273 5.65 11.27 18.52
N GLY A 274 6.79 11.16 17.84
CA GLY A 274 6.82 10.74 16.41
C GLY A 274 6.87 11.84 15.38
N TYR A 275 7.81 12.77 15.53
CA TYR A 275 8.05 13.80 14.52
C TYR A 275 9.50 14.24 14.58
N ILE A 276 9.96 14.90 13.52
CA ILE A 276 11.36 15.25 13.36
C ILE A 276 11.54 16.76 13.28
N THR A 277 12.53 17.29 14.00
CA THR A 277 12.92 18.68 13.84
C THR A 277 14.36 18.80 13.42
N VAL A 278 14.65 19.88 12.70
CA VAL A 278 16.02 20.21 12.27
C VAL A 278 16.30 21.69 12.52
N ALA A 279 17.58 22.02 12.63
CA ALA A 279 18.04 23.40 12.75
C ALA A 279 18.20 24.04 11.37
N HIS A 280 17.21 24.82 10.97
CA HIS A 280 17.22 25.47 9.67
C HIS A 280 16.22 26.59 9.71
N SER A 281 16.38 27.57 8.82
CA SER A 281 15.47 28.70 8.73
C SER A 281 14.98 28.88 7.29
N GLY A 282 13.67 28.74 7.09
CA GLY A 282 13.06 28.92 5.76
C GLY A 282 12.60 27.61 5.14
N ASP A 283 11.63 27.71 4.22
CA ASP A 283 11.21 26.57 3.41
C ASP A 283 12.40 26.11 2.59
N TYR A 284 12.68 24.81 2.59
CA TYR A 284 13.80 24.25 1.86
C TYR A 284 13.52 22.78 1.49
N PRO A 285 13.39 22.48 0.18
CA PRO A 285 13.41 21.10 -0.27
C PRO A 285 14.83 20.56 -0.25
N LEU A 286 15.07 19.50 0.53
CA LEU A 286 16.43 19.01 0.71
C LEU A 286 16.99 18.38 -0.56
N VAL A 287 18.26 18.63 -0.84
CA VAL A 287 18.94 17.96 -1.92
C VAL A 287 19.97 17.03 -1.30
N VAL A 288 19.70 15.74 -1.40
CA VAL A 288 20.48 14.70 -0.72
C VAL A 288 20.62 13.53 -1.67
N PRO A 289 21.70 12.76 -1.51
CA PRO A 289 21.93 11.63 -2.41
C PRO A 289 20.84 10.58 -2.28
N ALA A 290 20.62 9.86 -3.37
CA ALA A 290 19.48 8.93 -3.48
C ALA A 290 19.60 7.72 -2.56
N ASN A 291 20.82 7.34 -2.20
CA ASN A 291 21.05 6.22 -1.31
C ASN A 291 20.95 6.55 0.19
N GLY A 292 20.62 7.80 0.54
CA GLY A 292 20.69 8.23 1.93
C GLY A 292 19.54 7.71 2.79
N HIS A 293 19.81 7.55 4.08
CA HIS A 293 18.79 7.16 5.03
C HIS A 293 19.16 7.62 6.44
N PHE A 294 18.15 7.75 7.29
CA PHE A 294 18.37 8.04 8.70
C PHE A 294 18.85 6.83 9.49
N ARG A 295 19.71 7.07 10.48
CA ARG A 295 20.14 6.04 11.43
C ARG A 295 20.07 6.62 12.85
N PHE A 296 19.68 5.80 13.82
CA PHE A 296 19.56 6.22 15.22
C PHE A 296 20.96 6.36 15.80
N ASP A 297 21.24 7.48 16.43
CA ASP A 297 22.54 7.72 17.05
C ASP A 297 22.46 7.53 18.57
N SER A 298 21.65 8.34 19.24
CA SER A 298 21.56 8.27 20.70
C SER A 298 20.38 9.01 21.27
N TRP A 299 20.08 8.70 22.53
CA TRP A 299 19.06 9.41 23.25
C TRP A 299 19.66 10.70 23.83
N VAL A 300 19.00 11.81 23.56
CA VAL A 300 19.42 13.12 24.02
C VAL A 300 18.18 13.73 24.64
N ASN A 301 18.15 15.05 24.84
CA ASN A 301 16.95 15.65 25.37
C ASN A 301 16.57 16.87 24.58
N GLN A 302 15.47 17.50 24.97
CA GLN A 302 14.94 18.69 24.31
C GLN A 302 15.97 19.79 24.10
N PHE A 303 16.94 19.89 25.00
CA PHE A 303 17.87 21.01 24.97
C PHE A 303 19.09 20.77 24.10
N TYR A 304 19.18 19.60 23.48
CA TYR A 304 20.28 19.30 22.57
C TYR A 304 20.32 20.34 21.47
N SER A 305 21.52 20.79 21.15
CA SER A 305 21.70 21.84 20.16
C SER A 305 22.13 21.17 18.87
N LEU A 306 21.23 21.14 17.88
CA LEU A 306 21.54 20.50 16.60
C LEU A 306 22.57 21.29 15.79
N ALA A 307 23.48 20.59 15.12
CA ALA A 307 24.29 21.23 14.10
C ALA A 307 23.34 21.78 13.03
N PRO A 308 23.60 23.00 12.54
CA PRO A 308 22.72 23.52 11.49
C PRO A 308 22.66 22.58 10.29
N MET A 309 21.45 22.41 9.77
CA MET A 309 21.22 21.65 8.57
C MET A 309 21.66 22.47 7.38
N LYS B 4 22.84 -14.19 14.05
CA LYS B 4 21.64 -13.33 13.82
C LYS B 4 20.40 -14.22 13.75
N PRO B 5 19.55 -14.19 14.80
CA PRO B 5 18.45 -15.17 14.82
C PRO B 5 17.30 -14.78 13.90
N PHE B 6 16.74 -15.78 13.22
CA PHE B 6 15.63 -15.57 12.32
C PHE B 6 14.35 -15.28 13.11
N SER B 7 13.45 -14.51 12.52
CA SER B 7 12.17 -14.18 13.15
C SER B 7 11.13 -13.72 12.13
N LEU B 8 9.87 -13.69 12.57
CA LEU B 8 8.76 -13.18 11.77
C LEU B 8 8.24 -11.90 12.40
N PRO B 9 7.67 -10.99 11.59
CA PRO B 9 6.91 -9.92 12.24
C PRO B 9 5.66 -10.49 12.90
N ILE B 10 5.21 -9.86 13.97
CA ILE B 10 4.03 -10.30 14.69
C ILE B 10 2.85 -9.49 14.19
N LEU B 11 2.03 -10.09 13.33
CA LEU B 11 0.92 -9.39 12.67
C LEU B 11 -0.24 -10.35 12.43
N THR B 12 -1.45 -9.89 12.72
CA THR B 12 -2.64 -10.67 12.42
C THR B 12 -2.94 -10.61 10.92
N LEU B 13 -3.86 -11.43 10.45
CA LEU B 13 -4.21 -11.45 9.03
C LEU B 13 -4.71 -10.10 8.53
N SER B 14 -5.48 -9.41 9.37
CA SER B 14 -6.02 -8.12 8.99
C SER B 14 -4.95 -7.01 9.04
N GLU B 15 -3.78 -7.32 9.59
CA GLU B 15 -2.62 -6.44 9.61
C GLU B 15 -1.60 -6.80 8.52
N LEU B 16 -1.97 -7.69 7.60
CA LEU B 16 -1.07 -8.11 6.51
C LEU B 16 -1.61 -7.69 5.14
N THR B 17 -0.68 -7.45 4.21
CA THR B 17 -0.95 -7.01 2.85
C THR B 17 -0.57 -8.14 1.90
N ASN B 18 -1.41 -8.38 0.90
CA ASN B 18 -1.13 -9.38 -0.11
C ASN B 18 0.06 -8.92 -0.91
N SER B 19 1.01 -9.82 -1.19
CA SER B 19 2.23 -9.44 -1.91
C SER B 19 2.02 -9.49 -3.43
N ARG B 20 0.85 -9.93 -3.88
CA ARG B 20 0.57 -10.00 -5.31
C ARG B 20 -0.50 -9.00 -5.79
N PHE B 21 -1.15 -8.33 -4.85
CA PHE B 21 -2.12 -7.29 -5.18
C PHE B 21 -2.23 -6.38 -3.94
N PRO B 22 -2.30 -5.05 -4.14
CA PRO B 22 -2.22 -4.17 -2.95
C PRO B 22 -3.52 -4.08 -2.12
N VAL B 23 -3.90 -5.19 -1.50
CA VAL B 23 -5.06 -5.23 -0.62
C VAL B 23 -4.68 -6.01 0.63
N PRO B 24 -5.50 -5.88 1.68
CA PRO B 24 -5.24 -6.71 2.86
C PRO B 24 -5.51 -8.19 2.59
N ILE B 25 -4.90 -9.05 3.40
CA ILE B 25 -5.18 -10.47 3.43
C ILE B 25 -6.54 -10.68 4.09
N ASP B 26 -7.33 -11.58 3.51
CA ASP B 26 -8.65 -11.93 4.05
C ASP B 26 -8.63 -13.23 4.84
N SER B 27 -7.87 -14.23 4.37
CA SER B 27 -7.89 -15.54 4.99
C SER B 27 -6.73 -16.42 4.53
N LEU B 28 -6.63 -17.57 5.18
CA LEU B 28 -5.65 -18.59 4.82
C LEU B 28 -6.37 -19.71 4.10
N PHE B 29 -5.67 -20.33 3.14
CA PHE B 29 -6.25 -21.37 2.33
C PHE B 29 -5.17 -22.36 1.96
N THR B 30 -5.49 -23.64 2.07
CA THR B 30 -4.60 -24.68 1.55
C THR B 30 -5.28 -25.35 0.38
N ALA B 31 -4.49 -25.60 -0.66
CA ALA B 31 -5.02 -26.07 -1.92
C ALA B 31 -4.57 -27.50 -2.19
N GLN B 32 -5.49 -28.28 -2.74
CA GLN B 32 -5.19 -29.58 -3.28
C GLN B 32 -4.07 -29.44 -4.30
N ASN B 33 -3.07 -30.32 -4.22
CA ASN B 33 -2.03 -30.38 -5.23
C ASN B 33 -2.63 -30.82 -6.56
N ASN B 34 -2.49 -29.98 -7.58
CA ASN B 34 -2.91 -30.35 -8.92
C ASN B 34 -1.70 -30.33 -9.87
N VAL B 35 -1.95 -30.61 -11.14
CA VAL B 35 -0.89 -30.67 -12.15
C VAL B 35 -0.37 -29.27 -12.48
N LEU B 36 -1.24 -28.28 -12.37
CA LEU B 36 -0.90 -26.90 -12.72
C LEU B 36 0.10 -26.27 -11.72
N GLN B 37 1.12 -25.59 -12.26
CA GLN B 37 2.27 -25.14 -11.48
C GLN B 37 2.17 -23.71 -10.89
N VAL B 38 2.64 -23.55 -9.65
CA VAL B 38 2.64 -22.27 -8.96
C VAL B 38 3.99 -21.59 -9.20
N GLN B 39 3.97 -20.45 -9.88
CA GLN B 39 5.21 -19.74 -10.23
C GLN B 39 5.03 -18.23 -10.28
N CYS B 40 4.40 -17.69 -9.26
CA CYS B 40 4.16 -16.26 -9.20
C CYS B 40 5.52 -15.51 -9.10
N GLN B 41 5.54 -14.28 -9.58
CA GLN B 41 6.76 -13.46 -9.65
C GLN B 41 6.78 -12.28 -8.68
N ASN B 42 5.62 -11.79 -8.28
CA ASN B 42 5.52 -10.91 -7.14
C ASN B 42 5.38 -11.75 -5.87
N GLY B 43 5.76 -11.18 -4.74
CA GLY B 43 5.68 -11.87 -3.46
C GLY B 43 6.68 -13.01 -3.35
N ARG B 44 7.86 -12.79 -3.91
CA ARG B 44 8.93 -13.80 -3.90
C ARG B 44 10.13 -13.25 -3.15
N CYS B 45 10.52 -13.96 -2.10
CA CYS B 45 11.62 -13.52 -1.25
C CYS B 45 12.11 -14.69 -0.43
N THR B 46 13.43 -14.85 -0.35
CA THR B 46 14.01 -15.91 0.45
C THR B 46 13.95 -15.49 1.90
N LEU B 47 14.11 -16.46 2.79
CA LEU B 47 14.11 -16.15 4.21
C LEU B 47 15.29 -15.31 4.69
N ASP B 48 16.40 -15.29 3.94
CA ASP B 48 17.51 -14.40 4.27
C ASP B 48 17.42 -13.05 3.56
N GLY B 49 16.27 -12.76 2.94
CA GLY B 49 15.98 -11.41 2.46
C GLY B 49 16.37 -11.09 1.03
N GLU B 50 16.54 -12.10 0.17
CA GLU B 50 16.79 -11.87 -1.26
C GLU B 50 15.47 -11.81 -2.03
N LEU B 51 15.08 -10.60 -2.49
CA LEU B 51 13.87 -10.46 -3.33
C LEU B 51 14.09 -11.12 -4.67
N GLN B 52 13.08 -11.80 -5.20
CA GLN B 52 13.19 -12.51 -6.48
C GLN B 52 12.07 -12.12 -7.43
N GLY B 53 12.21 -12.53 -8.68
CA GLY B 53 11.18 -12.28 -9.70
C GLY B 53 11.00 -10.80 -9.93
N THR B 54 9.76 -10.33 -9.95
CA THR B 54 9.47 -8.91 -10.10
C THR B 54 9.17 -8.25 -8.73
N THR B 55 9.64 -8.84 -7.63
CA THR B 55 9.26 -8.36 -6.30
C THR B 55 10.03 -7.10 -5.91
N GLN B 56 9.30 -6.12 -5.40
CA GLN B 56 9.89 -4.91 -4.82
C GLN B 56 9.24 -4.68 -3.46
N LEU B 57 9.62 -3.64 -2.74
CA LEU B 57 9.27 -3.54 -1.31
C LEU B 57 7.94 -2.87 -0.96
N LEU B 58 7.41 -2.03 -1.85
CA LEU B 58 6.24 -1.19 -1.51
C LEU B 58 4.91 -1.81 -1.94
N PRO B 59 3.95 -1.87 -1.02
CA PRO B 59 2.60 -2.30 -1.39
C PRO B 59 2.03 -1.49 -2.53
N SER B 60 2.33 -0.18 -2.55
CA SER B 60 1.86 0.69 -3.63
C SER B 60 2.58 0.48 -4.96
N GLY B 61 3.63 -0.35 -4.98
CA GLY B 61 4.26 -0.75 -6.24
C GLY B 61 3.67 -2.00 -6.92
N ILE B 62 2.85 -2.76 -6.18
CA ILE B 62 2.38 -4.04 -6.70
C ILE B 62 1.30 -3.83 -7.78
N CYS B 63 1.56 -4.33 -8.98
CA CYS B 63 0.66 -4.12 -10.16
C CYS B 63 0.48 -2.66 -10.56
N ALA B 64 1.42 -1.80 -10.18
CA ALA B 64 1.44 -0.42 -10.62
C ALA B 64 2.41 -0.26 -11.80
N PHE B 65 2.18 0.78 -12.60
CA PHE B 65 3.15 1.20 -13.63
C PHE B 65 3.44 2.68 -13.52
N ARG B 66 4.64 3.05 -13.97
CA ARG B 66 5.06 4.42 -14.05
C ARG B 66 5.81 4.62 -15.36
N GLY B 67 5.61 5.77 -15.99
CA GLY B 67 6.30 6.07 -17.23
C GLY B 67 5.76 7.28 -17.96
N ARG B 68 5.81 7.21 -19.30
CA ARG B 68 5.34 8.26 -20.19
C ARG B 68 4.52 7.65 -21.32
N VAL B 69 3.39 8.26 -21.64
CA VAL B 69 2.61 7.87 -22.78
C VAL B 69 3.22 8.56 -24.00
N THR B 70 3.60 7.79 -25.01
CA THR B 70 4.35 8.35 -26.14
C THR B 70 3.65 8.25 -27.49
N ALA B 71 2.60 7.45 -27.60
CA ALA B 71 1.92 7.26 -28.89
C ALA B 71 0.58 6.58 -28.69
N GLN B 72 -0.23 6.57 -29.74
CA GLN B 72 -1.43 5.75 -29.77
C GLN B 72 -1.52 4.94 -31.06
N ILE B 73 -2.24 3.83 -31.00
CA ILE B 73 -2.41 2.94 -32.15
C ILE B 73 -3.88 2.62 -32.30
N ASN B 74 -4.25 2.22 -33.52
CA ASN B 74 -5.64 1.94 -33.87
C ASN B 74 -6.02 0.51 -33.45
N GLN B 75 -5.93 0.25 -32.15
CA GLN B 75 -6.15 -1.06 -31.56
C GLN B 75 -6.89 -0.83 -30.26
N ARG B 76 -7.53 -1.86 -29.75
CA ARG B 76 -8.22 -1.73 -28.46
C ARG B 76 -7.26 -1.33 -27.33
N ASP B 77 -6.07 -1.92 -27.31
CA ASP B 77 -5.01 -1.47 -26.39
C ASP B 77 -4.29 -0.32 -27.07
N ARG B 78 -4.84 0.89 -26.87
CA ARG B 78 -4.57 2.04 -27.74
C ARG B 78 -3.37 2.89 -27.39
N TRP B 79 -3.14 3.12 -26.09
CA TRP B 79 -2.15 4.09 -25.65
C TRP B 79 -0.84 3.45 -25.18
N HIS B 80 0.22 3.76 -25.92
CA HIS B 80 1.55 3.20 -25.69
C HIS B 80 2.28 3.87 -24.53
N MET B 81 2.46 3.14 -23.44
CA MET B 81 3.11 3.67 -22.25
C MET B 81 4.52 3.11 -22.14
N GLN B 82 5.51 3.98 -22.26
CA GLN B 82 6.90 3.60 -22.15
C GLN B 82 7.27 3.65 -20.68
N LEU B 83 7.73 2.52 -20.15
CA LEU B 83 7.86 2.36 -18.71
C LEU B 83 9.17 2.83 -18.16
N GLN B 84 9.09 3.30 -16.93
CA GLN B 84 10.24 3.57 -16.07
C GLN B 84 10.13 2.62 -14.90
N ASN B 85 11.19 2.50 -14.11
CA ASN B 85 11.09 1.82 -12.82
C ASN B 85 10.14 2.62 -11.94
N LEU B 86 9.52 1.98 -10.98
CA LEU B 86 8.49 2.66 -10.18
C LEU B 86 9.03 3.88 -9.43
N ASN B 87 10.31 3.90 -9.08
CA ASN B 87 10.88 5.11 -8.46
C ASN B 87 11.20 6.26 -9.42
N GLY B 88 10.86 6.11 -10.70
CA GLY B 88 11.10 7.17 -11.67
C GLY B 88 12.44 7.09 -12.40
N THR B 89 13.31 6.14 -12.01
CA THR B 89 14.56 5.94 -12.73
C THR B 89 14.34 5.18 -14.04
N THR B 90 15.33 5.27 -14.92
CA THR B 90 15.24 4.70 -16.26
C THR B 90 15.24 3.17 -16.19
N TYR B 91 14.30 2.56 -16.90
CA TYR B 91 14.20 1.10 -16.92
C TYR B 91 15.23 0.51 -17.87
N ASP B 92 15.99 -0.48 -17.42
CA ASP B 92 16.98 -1.17 -18.26
C ASP B 92 16.49 -2.56 -18.66
N PRO B 93 16.09 -2.75 -19.92
CA PRO B 93 15.56 -4.04 -20.38
C PRO B 93 16.55 -5.22 -20.32
N THR B 94 17.84 -4.95 -20.20
CA THR B 94 18.87 -6.01 -20.11
C THR B 94 19.15 -6.46 -18.66
N ASP B 95 18.48 -5.85 -17.68
CA ASP B 95 18.63 -6.26 -16.29
C ASP B 95 18.09 -7.69 -16.10
N ASP B 96 18.60 -8.41 -15.10
CA ASP B 96 18.26 -9.81 -14.85
C ASP B 96 16.95 -9.95 -14.06
N VAL B 97 15.87 -9.44 -14.63
CA VAL B 97 14.56 -9.54 -14.03
C VAL B 97 13.59 -9.97 -15.12
N PRO B 98 12.45 -10.57 -14.74
CA PRO B 98 11.47 -10.93 -15.76
C PRO B 98 10.80 -9.74 -16.42
N ALA B 99 10.75 -8.62 -15.70
CA ALA B 99 10.00 -7.42 -16.09
C ALA B 99 10.28 -6.34 -15.06
N PRO B 100 9.88 -5.09 -15.34
CA PRO B 100 10.07 -4.08 -14.31
C PRO B 100 9.41 -4.54 -13.01
N LEU B 101 10.03 -4.22 -11.88
CA LEU B 101 9.54 -4.69 -10.60
C LEU B 101 8.14 -4.11 -10.35
N GLY B 102 7.23 -4.94 -9.85
CA GLY B 102 5.84 -4.55 -9.65
C GLY B 102 4.86 -4.96 -10.75
N THR B 103 5.39 -5.33 -11.92
CA THR B 103 4.56 -5.80 -13.03
C THR B 103 3.62 -6.93 -12.59
N PRO B 104 2.35 -6.90 -13.04
CA PRO B 104 1.44 -8.02 -12.74
C PRO B 104 1.98 -9.37 -13.19
N ASP B 105 1.71 -10.43 -12.42
CA ASP B 105 2.26 -11.77 -12.69
C ASP B 105 1.17 -12.81 -12.99
N PHE B 106 0.07 -12.34 -13.59
CA PHE B 106 -1.04 -13.21 -13.91
C PHE B 106 -1.67 -12.77 -15.22
N LYS B 107 -2.42 -13.68 -15.82
CA LYS B 107 -3.16 -13.37 -17.02
C LYS B 107 -4.52 -12.84 -16.64
N GLY B 108 -4.91 -11.74 -17.25
CA GLY B 108 -6.21 -11.13 -16.98
C GLY B 108 -6.20 -9.66 -17.32
N VAL B 109 -7.18 -8.93 -16.78
CA VAL B 109 -7.27 -7.49 -16.98
C VAL B 109 -7.15 -6.86 -15.61
N VAL B 110 -6.20 -5.93 -15.45
CA VAL B 110 -6.12 -5.14 -14.23
C VAL B 110 -6.82 -3.80 -14.54
N PHE B 111 -7.79 -3.44 -13.72
CA PHE B 111 -8.47 -2.17 -13.87
C PHE B 111 -8.06 -1.23 -12.74
N GLY B 112 -8.03 0.05 -13.07
CA GLY B 112 -7.72 1.07 -12.11
C GLY B 112 -7.86 2.43 -12.72
N MET B 113 -6.95 3.32 -12.35
CA MET B 113 -6.94 4.66 -12.90
C MET B 113 -5.56 5.05 -13.41
N VAL B 114 -5.55 5.83 -14.47
CA VAL B 114 -4.34 6.51 -14.91
C VAL B 114 -4.43 7.96 -14.49
N SER B 115 -3.27 8.52 -14.19
CA SER B 115 -3.17 9.93 -13.89
C SER B 115 -1.96 10.49 -14.62
N GLN B 116 -2.05 11.75 -15.06
CA GLN B 116 -0.95 12.44 -15.68
C GLN B 116 -0.66 13.76 -14.99
N ARG B 117 0.60 14.18 -15.07
CA ARG B 117 1.04 15.50 -14.65
C ARG B 117 2.10 16.01 -15.61
N ASN B 118 1.74 17.04 -16.38
CA ASN B 118 2.60 17.53 -17.45
C ASN B 118 3.92 18.11 -16.98
N VAL B 119 4.96 17.86 -17.75
CA VAL B 119 6.24 18.53 -17.57
C VAL B 119 6.68 19.10 -18.91
N GLY B 120 7.68 19.99 -18.89
CA GLY B 120 8.21 20.59 -20.11
C GLY B 120 7.40 21.80 -20.57
N ASN B 121 7.25 21.91 -21.89
CA ASN B 121 6.69 23.10 -22.52
C ASN B 121 5.18 23.18 -22.57
N ASP B 122 4.52 22.02 -22.65
CA ASP B 122 3.09 21.97 -22.92
C ASP B 122 2.30 21.95 -21.61
N ALA B 123 1.87 23.14 -21.16
CA ALA B 123 1.04 23.30 -19.96
C ALA B 123 1.59 22.55 -18.76
N PRO B 124 2.85 22.82 -18.39
CA PRO B 124 3.49 22.06 -17.31
C PRO B 124 2.70 22.19 -16.03
N GLY B 125 2.53 21.07 -15.31
CA GLY B 125 1.79 21.07 -14.06
C GLY B 125 0.33 20.73 -14.23
N SER B 126 -0.17 20.73 -15.47
CA SER B 126 -1.57 20.38 -15.71
C SER B 126 -1.77 18.87 -15.49
N THR B 127 -2.92 18.49 -14.95
CA THR B 127 -3.17 17.12 -14.56
C THR B 127 -4.50 16.62 -15.08
N ARG B 128 -4.63 15.30 -15.15
CA ARG B 128 -5.88 14.63 -15.46
C ARG B 128 -5.81 13.20 -14.97
N ALA B 129 -6.98 12.62 -14.72
CA ALA B 129 -7.08 11.22 -14.31
C ALA B 129 -8.35 10.60 -14.80
N GLN B 130 -8.30 9.31 -15.11
CA GLN B 130 -9.49 8.56 -15.52
C GLN B 130 -9.31 7.08 -15.34
N GLN B 131 -10.41 6.36 -15.50
CA GLN B 131 -10.41 4.91 -15.50
C GLN B 131 -9.56 4.35 -16.64
N ALA B 132 -8.83 3.28 -16.34
CA ALA B 132 -8.05 2.58 -17.34
C ALA B 132 -7.96 1.09 -17.03
N TRP B 133 -7.52 0.33 -18.04
CA TRP B 133 -7.39 -1.11 -17.97
C TRP B 133 -6.07 -1.52 -18.62
N VAL B 134 -5.42 -2.53 -18.04
CA VAL B 134 -4.26 -3.15 -18.66
C VAL B 134 -4.57 -4.62 -18.82
N SER B 135 -4.61 -5.08 -20.07
CA SER B 135 -4.78 -6.50 -20.34
C SER B 135 -3.42 -7.15 -20.44
N THR B 136 -3.18 -8.16 -19.62
CA THR B 136 -1.89 -8.87 -19.67
C THR B 136 -1.92 -9.97 -20.74
N TYR B 137 -3.04 -10.13 -21.43
CA TYR B 137 -3.13 -10.98 -22.63
C TYR B 137 -2.72 -10.20 -23.87
N SER B 138 -2.69 -8.87 -23.79
CA SER B 138 -2.51 -8.01 -24.99
C SER B 138 -1.18 -8.28 -25.67
N PRO B 139 -1.17 -8.28 -27.02
CA PRO B 139 0.12 -8.40 -27.71
C PRO B 139 1.01 -7.18 -27.48
N GLN B 140 0.42 -6.07 -27.04
CA GLN B 140 1.18 -4.90 -26.65
C GLN B 140 1.58 -4.88 -25.15
N PHE B 141 1.23 -5.91 -24.40
CA PHE B 141 1.72 -6.04 -23.02
C PHE B 141 3.11 -6.66 -23.13
N VAL B 142 4.14 -5.82 -23.18
CA VAL B 142 5.52 -6.28 -23.30
C VAL B 142 6.42 -5.53 -22.32
N PRO B 143 6.08 -5.60 -21.02
CA PRO B 143 6.80 -4.80 -20.03
C PRO B 143 8.30 -5.08 -19.97
N LYS B 144 8.72 -6.32 -20.25
CA LYS B 144 10.16 -6.65 -20.24
C LYS B 144 10.88 -5.82 -21.32
N LEU B 145 10.21 -5.58 -22.44
CA LEU B 145 10.83 -4.79 -23.51
C LEU B 145 10.77 -3.31 -23.19
N GLY B 146 9.91 -2.92 -22.24
CA GLY B 146 9.83 -1.54 -21.79
C GLY B 146 8.50 -0.81 -22.03
N SER B 147 7.45 -1.52 -22.42
CA SER B 147 6.15 -0.87 -22.63
C SER B 147 4.92 -1.74 -22.46
N VAL B 148 3.81 -1.08 -22.12
CA VAL B 148 2.49 -1.70 -22.13
C VAL B 148 1.54 -0.71 -22.79
N ASN B 149 0.43 -1.21 -23.32
CA ASN B 149 -0.58 -0.34 -23.88
C ASN B 149 -1.79 -0.33 -22.98
N LEU B 150 -2.39 0.86 -22.81
CA LEU B 150 -3.55 1.06 -21.97
C LEU B 150 -4.82 1.23 -22.78
N ARG B 151 -5.91 0.71 -22.22
CA ARG B 151 -7.27 1.06 -22.63
C ARG B 151 -7.77 2.07 -21.61
N ILE B 152 -8.39 3.15 -22.08
CA ILE B 152 -8.89 4.21 -21.19
C ILE B 152 -10.31 4.56 -21.60
N SER B 153 -11.01 5.30 -20.75
CA SER B 153 -12.44 5.54 -20.99
C SER B 153 -12.72 6.76 -21.86
N ASP B 154 -11.85 7.77 -21.82
CA ASP B 154 -12.04 9.02 -22.56
C ASP B 154 -10.80 9.34 -23.39
N ASN B 155 -10.84 8.91 -24.65
CA ASN B 155 -9.70 9.07 -25.55
C ASN B 155 -9.41 10.50 -25.99
N ASP B 156 -10.28 11.45 -25.62
CA ASP B 156 -10.06 12.85 -25.95
C ASP B 156 -9.35 13.65 -24.87
N ASP B 157 -9.14 13.05 -23.70
CA ASP B 157 -8.53 13.77 -22.58
C ASP B 157 -7.32 13.01 -22.06
N PHE B 158 -6.29 12.92 -22.89
CA PHE B 158 -5.12 12.11 -22.55
C PHE B 158 -3.97 12.53 -23.43
N GLN B 159 -2.82 12.80 -22.84
CA GLN B 159 -1.70 13.45 -23.52
C GLN B 159 -0.40 12.64 -23.44
N PHE B 160 0.59 13.03 -24.23
CA PHE B 160 1.88 12.36 -24.27
C PHE B 160 2.76 12.92 -23.17
N GLN B 161 2.49 12.47 -21.95
CA GLN B 161 3.02 13.08 -20.74
C GLN B 161 3.30 12.01 -19.68
N PRO B 162 4.03 12.37 -18.61
CA PRO B 162 4.28 11.41 -17.54
C PRO B 162 2.98 10.87 -16.96
N THR B 163 2.93 9.55 -16.81
CA THR B 163 1.70 8.83 -16.49
C THR B 163 1.98 7.79 -15.39
N LYS B 164 1.02 7.62 -14.49
CA LYS B 164 1.06 6.55 -13.49
C LYS B 164 -0.23 5.76 -13.58
N PHE B 165 -0.09 4.44 -13.51
CA PHE B 165 -1.24 3.55 -13.41
C PHE B 165 -1.36 3.10 -11.97
N THR B 166 -2.55 3.31 -11.40
CA THR B 166 -2.86 2.87 -10.03
C THR B 166 -3.89 1.73 -10.09
N PRO B 167 -3.51 0.51 -9.64
CA PRO B 167 -4.46 -0.60 -9.75
C PRO B 167 -5.52 -0.58 -8.68
N VAL B 168 -6.71 -1.04 -9.04
CA VAL B 168 -7.82 -1.14 -8.09
C VAL B 168 -8.30 -2.59 -7.97
N GLY B 169 -8.43 -3.27 -9.09
CA GLY B 169 -8.89 -4.66 -9.09
C GLY B 169 -8.52 -5.40 -10.36
N VAL B 170 -9.14 -6.56 -10.53
CA VAL B 170 -8.90 -7.41 -11.68
C VAL B 170 -10.22 -7.94 -12.23
N ASN B 171 -10.16 -8.46 -13.46
CA ASN B 171 -11.27 -9.19 -14.02
C ASN B 171 -10.86 -10.07 -15.19
N ASP B 172 -11.80 -10.95 -15.55
CA ASP B 172 -11.75 -11.62 -16.85
C ASP B 172 -11.91 -10.55 -17.91
N ASP B 173 -11.27 -10.71 -19.06
CA ASP B 173 -11.56 -9.80 -20.18
C ASP B 173 -12.99 -10.08 -20.63
N ASP B 174 -13.53 -9.26 -21.51
CA ASP B 174 -14.94 -9.34 -21.86
C ASP B 174 -15.11 -10.02 -23.22
N ASP B 175 -14.01 -10.50 -23.78
CA ASP B 175 -14.04 -11.27 -25.02
C ASP B 175 -13.60 -12.72 -24.76
N GLY B 176 -13.91 -13.24 -23.56
CA GLY B 176 -13.54 -14.59 -23.14
C GLY B 176 -12.32 -14.75 -22.23
N HIS B 177 -11.19 -14.15 -22.64
CA HIS B 177 -9.87 -14.36 -21.96
C HIS B 177 -9.97 -14.27 -20.44
N PRO B 178 -9.90 -15.42 -19.73
CA PRO B 178 -10.20 -15.39 -18.30
C PRO B 178 -9.07 -14.96 -17.37
N PHE B 179 -9.45 -14.53 -16.17
CA PHE B 179 -8.51 -14.19 -15.12
C PHE B 179 -7.93 -15.49 -14.58
N ARG B 180 -6.64 -15.68 -14.78
CA ARG B 180 -5.95 -16.89 -14.34
C ARG B 180 -4.73 -16.52 -13.48
N GLN B 181 -4.88 -16.62 -12.17
CA GLN B 181 -3.88 -16.08 -11.24
C GLN B 181 -2.55 -16.82 -11.28
N TRP B 182 -2.57 -18.07 -11.75
CA TRP B 182 -1.35 -18.89 -11.78
C TRP B 182 -0.74 -19.02 -13.18
N GLU B 183 -1.32 -18.37 -14.17
CA GLU B 183 -0.77 -18.34 -15.52
C GLU B 183 0.00 -17.04 -15.72
N LEU B 184 1.31 -17.17 -15.93
CA LEU B 184 2.15 -16.00 -16.15
C LEU B 184 1.84 -15.39 -17.50
N PRO B 185 1.90 -14.05 -17.61
CA PRO B 185 1.81 -13.47 -18.93
C PRO B 185 3.14 -13.60 -19.64
N ASN B 186 3.11 -13.31 -20.93
CA ASN B 186 4.33 -13.25 -21.72
C ASN B 186 4.88 -11.84 -21.57
N TYR B 187 5.93 -11.71 -20.76
CA TYR B 187 6.44 -10.40 -20.41
C TYR B 187 7.09 -9.71 -21.61
N SER B 188 7.50 -10.50 -22.61
CA SER B 188 8.02 -9.93 -23.88
C SER B 188 7.10 -10.11 -25.09
N GLY B 189 5.85 -10.44 -24.86
CA GLY B 189 4.93 -10.65 -25.97
C GLY B 189 4.91 -12.02 -26.64
N GLU B 190 4.10 -12.11 -27.71
CA GLU B 190 3.73 -13.40 -28.30
C GLU B 190 4.94 -13.98 -29.01
N LEU B 191 5.14 -15.28 -28.90
CA LEU B 191 6.32 -15.97 -29.46
C LEU B 191 7.63 -15.80 -28.71
N THR B 192 7.59 -15.17 -27.53
CA THR B 192 8.78 -14.99 -26.71
C THR B 192 8.57 -15.75 -25.42
N LEU B 193 9.67 -16.24 -24.86
CA LEU B 193 9.65 -16.96 -23.59
C LEU B 193 10.13 -16.09 -22.45
N ASN B 194 9.58 -16.31 -21.25
CA ASN B 194 10.00 -15.51 -20.09
C ASN B 194 11.38 -15.91 -19.57
N MET B 195 12.07 -14.95 -18.96
CA MET B 195 13.43 -15.14 -18.46
C MET B 195 13.57 -14.65 -17.04
N ASN B 196 14.62 -15.13 -16.39
CA ASN B 196 15.00 -14.68 -15.05
C ASN B 196 13.87 -14.88 -14.05
N LEU B 197 13.07 -15.92 -14.24
CA LEU B 197 11.90 -16.15 -13.38
C LEU B 197 12.28 -16.69 -12.01
N ALA B 198 11.56 -16.26 -10.98
CA ALA B 198 11.62 -16.96 -9.70
C ALA B 198 11.10 -18.38 -10.00
N PRO B 199 11.73 -19.41 -9.39
CA PRO B 199 11.43 -20.78 -9.75
C PRO B 199 10.02 -21.25 -9.33
N PRO B 200 9.50 -22.32 -9.96
CA PRO B 200 8.22 -22.88 -9.55
C PRO B 200 8.30 -23.42 -8.13
N VAL B 201 7.17 -23.45 -7.44
CA VAL B 201 7.14 -23.99 -6.08
C VAL B 201 6.09 -25.09 -5.98
N ALA B 202 6.42 -26.14 -5.23
CA ALA B 202 5.51 -27.27 -5.02
C ALA B 202 5.88 -28.00 -3.73
N PRO B 203 4.90 -28.62 -3.06
CA PRO B 203 5.34 -29.49 -1.99
C PRO B 203 5.95 -30.76 -2.60
N ASN B 204 6.93 -31.36 -1.96
CA ASN B 204 7.31 -32.70 -2.43
C ASN B 204 7.44 -33.71 -1.32
N PHE B 205 6.71 -33.46 -0.25
CA PHE B 205 6.59 -34.40 0.85
C PHE B 205 5.18 -34.96 0.71
N PRO B 206 5.03 -36.29 0.87
CA PRO B 206 3.69 -36.86 0.73
C PRO B 206 2.75 -36.30 1.80
N GLY B 207 1.53 -35.97 1.39
CA GLY B 207 0.53 -35.45 2.30
C GLY B 207 0.64 -33.97 2.60
N GLU B 208 1.62 -33.29 1.97
CA GLU B 208 1.79 -31.85 2.17
C GLU B 208 1.18 -31.04 1.03
N GLN B 209 0.63 -29.88 1.40
CA GLN B 209 0.06 -28.94 0.44
C GLN B 209 0.60 -27.55 0.73
N LEU B 210 0.55 -26.68 -0.28
CA LEU B 210 0.89 -25.28 -0.10
C LEU B 210 -0.16 -24.61 0.77
N LEU B 211 0.28 -23.67 1.60
CA LEU B 211 -0.61 -22.77 2.33
C LEU B 211 -0.48 -21.36 1.74
N PHE B 212 -1.60 -20.75 1.44
CA PHE B 212 -1.63 -19.42 0.84
C PHE B 212 -2.25 -18.40 1.77
N PHE B 213 -1.81 -17.16 1.63
CA PHE B 213 -2.48 -16.01 2.20
C PHE B 213 -3.40 -15.45 1.11
N ARG B 214 -4.71 -15.51 1.36
CA ARG B 214 -5.71 -15.25 0.33
C ARG B 214 -6.38 -13.90 0.50
N SER B 215 -6.58 -13.22 -0.63
CA SER B 215 -7.36 -11.99 -0.71
C SER B 215 -8.46 -12.11 -1.75
N PHE B 216 -9.60 -11.50 -1.45
CA PHE B 216 -10.69 -11.37 -2.43
C PHE B 216 -10.66 -9.93 -2.92
N VAL B 217 -10.10 -9.73 -4.10
CA VAL B 217 -9.85 -8.38 -4.59
C VAL B 217 -11.08 -7.89 -5.38
N PRO B 218 -11.14 -6.59 -5.65
CA PRO B 218 -12.32 -6.06 -6.33
C PRO B 218 -12.40 -6.51 -7.79
N CYS B 219 -13.62 -6.64 -8.31
CA CYS B 219 -13.83 -6.89 -9.72
C CYS B 219 -14.79 -5.84 -10.25
N SER B 220 -14.76 -5.68 -11.57
CA SER B 220 -15.47 -4.62 -12.26
C SER B 220 -16.64 -5.12 -13.11
N GLY B 221 -17.40 -6.09 -12.62
CA GLY B 221 -18.53 -6.65 -13.38
C GLY B 221 -18.50 -8.16 -13.35
N GLY B 222 -19.67 -8.78 -13.42
CA GLY B 222 -19.76 -10.22 -13.39
C GLY B 222 -19.52 -10.76 -11.99
N TYR B 223 -19.21 -12.05 -11.92
CA TYR B 223 -19.26 -12.82 -10.70
C TYR B 223 -17.91 -13.37 -10.24
N ASN B 224 -16.82 -13.01 -10.91
CA ASN B 224 -15.52 -13.50 -10.48
C ASN B 224 -15.28 -13.20 -8.97
N GLN B 225 -14.73 -14.17 -8.25
CA GLN B 225 -14.52 -14.00 -6.81
C GLN B 225 -13.32 -13.11 -6.47
N GLY B 226 -12.51 -12.76 -7.47
CA GLY B 226 -11.29 -11.96 -7.25
C GLY B 226 -10.20 -12.61 -6.40
N ILE B 227 -10.07 -13.92 -6.47
CA ILE B 227 -9.11 -14.62 -5.61
C ILE B 227 -7.68 -14.36 -6.07
N ILE B 228 -6.86 -13.86 -5.16
CA ILE B 228 -5.42 -13.77 -5.40
C ILE B 228 -4.70 -14.35 -4.18
N ASP B 229 -3.92 -15.39 -4.43
CA ASP B 229 -3.24 -16.09 -3.37
C ASP B 229 -1.76 -15.73 -3.44
N CYS B 230 -1.16 -15.45 -2.29
CA CYS B 230 0.28 -15.21 -2.24
C CYS B 230 0.95 -16.17 -1.29
N LEU B 231 2.24 -16.37 -1.51
CA LEU B 231 3.02 -17.35 -0.78
C LEU B 231 3.36 -16.86 0.60
N ILE B 232 3.80 -15.59 0.66
CA ILE B 232 4.08 -14.92 1.91
C ILE B 232 3.64 -13.46 1.75
N PRO B 233 3.16 -12.86 2.85
CA PRO B 233 2.64 -11.49 2.78
C PRO B 233 3.75 -10.45 2.63
N GLN B 234 3.37 -9.28 2.14
CA GLN B 234 4.33 -8.23 1.86
C GLN B 234 5.14 -7.84 3.10
N GLU B 235 4.50 -7.77 4.26
CA GLU B 235 5.19 -7.44 5.52
C GLU B 235 6.30 -8.44 5.90
N TRP B 236 6.14 -9.71 5.55
CA TRP B 236 7.18 -10.70 5.83
C TRP B 236 8.36 -10.41 4.92
N ILE B 237 8.06 -10.14 3.65
CA ILE B 237 9.09 -9.82 2.68
C ILE B 237 9.91 -8.61 3.15
N GLN B 238 9.19 -7.57 3.58
CA GLN B 238 9.83 -6.38 4.12
C GLN B 238 10.72 -6.71 5.33
N HIS B 239 10.23 -7.61 6.18
CA HIS B 239 10.96 -7.97 7.40
C HIS B 239 12.23 -8.77 7.06
N PHE B 240 12.15 -9.73 6.14
CA PHE B 240 13.32 -10.54 5.80
C PHE B 240 14.39 -9.69 5.13
N TYR B 241 13.95 -8.78 4.25
CA TYR B 241 14.85 -7.82 3.63
C TYR B 241 15.66 -7.02 4.65
N GLN B 242 15.01 -6.55 5.72
CA GLN B 242 15.68 -5.79 6.79
C GLN B 242 16.66 -6.63 7.58
N GLU B 243 16.18 -7.78 8.03
CA GLU B 243 16.90 -8.65 8.93
C GLU B 243 18.07 -9.36 8.25
N SER B 244 17.82 -9.86 7.05
CA SER B 244 18.78 -10.68 6.32
C SER B 244 19.46 -11.72 7.21
N ALA B 245 18.66 -12.43 8.01
CA ALA B 245 19.18 -13.46 8.90
C ALA B 245 19.59 -14.69 8.09
N PRO B 246 20.83 -15.19 8.27
CA PRO B 246 21.20 -16.36 7.48
C PRO B 246 20.30 -17.53 7.82
N SER B 247 19.91 -18.31 6.82
CA SER B 247 19.05 -19.46 7.03
C SER B 247 19.89 -20.67 7.40
N GLN B 248 19.53 -21.34 8.49
CA GLN B 248 20.37 -22.43 9.03
C GLN B 248 20.06 -23.80 8.45
N SER B 249 18.87 -23.96 7.89
CA SER B 249 18.48 -25.18 7.21
C SER B 249 17.52 -24.80 6.11
N ASP B 250 17.03 -25.81 5.40
CA ASP B 250 16.12 -25.59 4.29
C ASP B 250 14.70 -25.24 4.74
N VAL B 251 14.40 -25.43 6.01
CA VAL B 251 13.03 -25.29 6.50
C VAL B 251 13.01 -24.69 7.89
N ALA B 252 12.21 -23.64 8.05
CA ALA B 252 11.91 -23.08 9.35
C ALA B 252 10.55 -23.59 9.80
N LEU B 253 10.54 -24.24 10.95
CA LEU B 253 9.27 -24.70 11.52
C LEU B 253 8.60 -23.49 12.14
N ILE B 254 7.35 -23.25 11.75
CA ILE B 254 6.58 -22.13 12.29
C ILE B 254 5.29 -22.67 12.92
N ARG B 255 4.81 -21.97 13.94
CA ARG B 255 3.60 -22.34 14.67
C ARG B 255 2.60 -21.18 14.59
N TYR B 256 1.36 -21.49 14.26
CA TYR B 256 0.30 -20.51 14.30
C TYR B 256 -0.22 -20.50 15.72
N VAL B 257 -0.10 -19.37 16.40
CA VAL B 257 -0.44 -19.29 17.83
C VAL B 257 -1.58 -18.32 18.11
N ASN B 258 -2.33 -18.62 19.15
CA ASN B 258 -3.29 -17.69 19.74
C ASN B 258 -2.58 -17.02 20.91
N PRO B 259 -2.27 -15.72 20.77
CA PRO B 259 -1.47 -15.04 21.79
C PRO B 259 -2.19 -14.79 23.12
N ASP B 260 -3.52 -14.72 23.10
CA ASP B 260 -4.30 -14.54 24.33
C ASP B 260 -4.28 -15.81 25.18
N THR B 261 -4.76 -16.90 24.61
CA THR B 261 -4.78 -18.20 25.30
C THR B 261 -3.38 -18.81 25.38
N GLY B 262 -2.48 -18.39 24.49
CA GLY B 262 -1.09 -18.85 24.52
C GLY B 262 -0.83 -20.16 23.79
N ARG B 263 -1.86 -20.80 23.25
CA ARG B 263 -1.68 -22.12 22.65
C ARG B 263 -1.40 -22.10 21.15
N THR B 264 -0.72 -23.15 20.69
CA THR B 264 -0.46 -23.38 19.27
C THR B 264 -1.63 -24.10 18.61
N LEU B 265 -2.08 -23.58 17.47
CA LEU B 265 -3.23 -24.12 16.78
C LEU B 265 -2.89 -25.10 15.68
N PHE B 266 -1.80 -24.83 14.96
CA PHE B 266 -1.22 -25.79 14.03
C PHE B 266 0.21 -25.40 13.72
N GLU B 267 0.91 -26.27 13.00
CA GLU B 267 2.28 -25.97 12.61
C GLU B 267 2.44 -26.13 11.12
N ALA B 268 3.48 -25.50 10.58
CA ALA B 268 3.71 -25.46 9.15
C ALA B 268 5.20 -25.39 8.85
N LYS B 269 5.54 -25.70 7.59
CA LYS B 269 6.93 -25.61 7.16
C LYS B 269 7.12 -24.36 6.31
N LEU B 270 7.95 -23.43 6.77
CA LEU B 270 8.32 -22.25 5.97
C LEU B 270 9.68 -22.52 5.32
N HIS B 271 9.64 -22.75 4.02
CA HIS B 271 10.82 -23.16 3.26
C HIS B 271 11.72 -21.98 2.95
N ARG B 272 13.03 -22.25 2.88
CA ARG B 272 14.07 -21.24 2.67
C ARG B 272 13.78 -20.29 1.50
N SER B 273 13.22 -20.81 0.44
CA SER B 273 12.97 -20.00 -0.75
C SER B 273 11.68 -19.17 -0.67
N GLY B 274 10.96 -19.23 0.46
CA GLY B 274 9.86 -18.30 0.75
C GLY B 274 8.46 -18.78 0.41
N TYR B 275 8.10 -19.97 0.88
CA TYR B 275 6.74 -20.49 0.76
C TYR B 275 6.43 -21.45 1.91
N ILE B 276 5.15 -21.70 2.13
CA ILE B 276 4.69 -22.48 3.30
C ILE B 276 3.96 -23.75 2.88
N THR B 277 4.28 -24.87 3.54
CA THR B 277 3.52 -26.10 3.34
C THR B 277 2.92 -26.56 4.67
N VAL B 278 1.79 -27.25 4.57
CA VAL B 278 1.13 -27.87 5.72
C VAL B 278 0.73 -29.31 5.37
N ALA B 279 0.53 -30.12 6.41
CA ALA B 279 0.04 -31.50 6.27
C ALA B 279 -1.48 -31.53 6.27
N HIS B 280 -2.05 -31.63 5.08
CA HIS B 280 -3.48 -31.65 4.92
C HIS B 280 -3.78 -32.19 3.55
N SER B 281 -4.98 -32.71 3.37
CA SER B 281 -5.44 -33.25 2.10
C SER B 281 -6.77 -32.63 1.68
N GLY B 282 -6.78 -31.92 0.55
CA GLY B 282 -7.98 -31.26 0.04
C GLY B 282 -7.94 -29.74 0.18
N ASP B 283 -8.72 -29.06 -0.66
CA ASP B 283 -8.95 -27.62 -0.52
C ASP B 283 -9.60 -27.36 0.83
N TYR B 284 -9.07 -26.40 1.59
CA TYR B 284 -9.61 -26.07 2.89
C TYR B 284 -9.32 -24.60 3.25
N PRO B 285 -10.37 -23.78 3.34
CA PRO B 285 -10.21 -22.45 3.92
C PRO B 285 -10.10 -22.57 5.43
N LEU B 286 -8.99 -22.13 6.00
CA LEU B 286 -8.73 -22.39 7.43
C LEU B 286 -9.68 -21.64 8.37
N VAL B 287 -10.11 -22.32 9.44
CA VAL B 287 -10.93 -21.67 10.46
C VAL B 287 -10.03 -21.44 11.64
N VAL B 288 -9.68 -20.17 11.85
CA VAL B 288 -8.75 -19.81 12.89
C VAL B 288 -9.24 -18.53 13.53
N PRO B 289 -8.89 -18.32 14.81
CA PRO B 289 -9.29 -17.09 15.49
C PRO B 289 -8.63 -15.87 14.87
N ALA B 290 -9.28 -14.72 15.02
CA ALA B 290 -8.85 -13.51 14.34
C ALA B 290 -7.54 -12.96 14.88
N ASN B 291 -7.22 -13.23 16.15
CA ASN B 291 -5.99 -12.72 16.75
C ASN B 291 -4.75 -13.56 16.46
N GLY B 292 -4.90 -14.62 15.67
CA GLY B 292 -3.80 -15.56 15.46
C GLY B 292 -2.69 -15.06 14.55
N HIS B 293 -1.49 -15.58 14.78
CA HIS B 293 -0.34 -15.23 13.93
C HIS B 293 0.73 -16.31 14.00
N PHE B 294 1.57 -16.37 12.98
CA PHE B 294 2.69 -17.29 12.96
C PHE B 294 3.84 -16.81 13.83
N ARG B 295 4.56 -17.76 14.43
CA ARG B 295 5.81 -17.50 15.15
C ARG B 295 6.85 -18.54 14.77
N PHE B 296 8.11 -18.13 14.67
CA PHE B 296 9.20 -19.03 14.29
C PHE B 296 9.51 -19.94 15.47
N ASP B 297 9.56 -21.25 15.22
CA ASP B 297 9.91 -22.21 16.27
C ASP B 297 11.37 -22.64 16.15
N SER B 298 11.72 -23.30 15.06
CA SER B 298 13.09 -23.82 14.91
C SER B 298 13.42 -24.21 13.49
N TRP B 299 14.71 -24.37 13.25
CA TRP B 299 15.21 -24.88 11.98
C TRP B 299 15.15 -26.40 11.96
N VAL B 300 14.49 -26.94 10.95
CA VAL B 300 14.30 -28.39 10.77
C VAL B 300 14.74 -28.69 9.35
N ASN B 301 14.38 -29.84 8.78
CA ASN B 301 14.70 -30.09 7.37
C ASN B 301 13.51 -30.58 6.60
N GLN B 302 13.72 -30.81 5.31
CA GLN B 302 12.67 -31.29 4.39
C GLN B 302 11.91 -32.49 4.89
N PHE B 303 12.57 -33.33 5.66
CA PHE B 303 11.97 -34.60 6.04
C PHE B 303 11.16 -34.52 7.34
N TYR B 304 11.08 -33.33 7.94
CA TYR B 304 10.30 -33.14 9.16
C TYR B 304 8.86 -33.53 8.89
N SER B 305 8.26 -34.24 9.84
CA SER B 305 6.92 -34.75 9.67
C SER B 305 6.01 -33.84 10.44
N LEU B 306 5.22 -33.06 9.71
CA LEU B 306 4.32 -32.09 10.35
C LEU B 306 3.18 -32.80 11.05
N ALA B 307 2.76 -32.27 12.20
CA ALA B 307 1.50 -32.68 12.79
C ALA B 307 0.42 -32.34 11.79
N PRO B 308 -0.53 -33.25 11.56
CA PRO B 308 -1.61 -32.91 10.64
C PRO B 308 -2.38 -31.67 11.10
N MET B 309 -2.89 -30.93 10.14
CA MET B 309 -3.61 -29.71 10.40
C MET B 309 -5.08 -29.97 10.06
#